data_6IF3
#
_entry.id   6IF3
#
_cell.length_a   44.741
_cell.length_b   53.468
_cell.length_c   144.008
_cell.angle_alpha   90.000
_cell.angle_beta   90.000
_cell.angle_gamma   90.000
#
_symmetry.space_group_name_H-M   'P 21 21 21'
#
loop_
_entity.id
_entity.type
_entity.pdbx_description
1 polymer 'Arf-GAP with coiled-coil, ANK repeat and PH domain-containing protein 2'
2 polymer 'Ras-related protein Rab-35'
3 non-polymer "GUANOSINE-5'-TRIPHOSPHATE"
4 non-polymer 'MAGNESIUM ION'
5 water water
#
loop_
_entity_poly.entity_id
_entity_poly.type
_entity_poly.pdbx_seq_one_letter_code
_entity_poly.pdbx_strand_id
1 'polypeptide(L)'
;GPGSSKHLNPGLQLYRASYEKNLPKMAEALAHGADVNWANSEENKATPLIQAVLGGSLVTCEFLLQNGANVNQRDVQGRG
PLHHATVLGHTGQVCLFLKRGANQHATDEEGKDPLSIAVEAANADIVTLLRLARMNEEMRESEGLYGQPGDETYQDIFRD
FSQMASNNPEKLNR
;
A
2 'polypeptide(L)'
;GPGSEFMARDYDHLFKLLIIGDSGVGKSSLLLRFADNTFSGSYITTIGVDFKIRTVEINGEKVKLQIWDTAGLERFRTIT
STYYRGTHGVIVVYDVTSAESFVNVKRWLHEINQNCDDVCRILVGNKNDDPERKVVETEDAYKFAGQMGIQLFETSAKEN
VNVEEMFNCITELVLRAKKDNLAKQQ
;
B
#
# COMPACT_ATOMS: atom_id res chain seq x y z
N ASN A 9 3.31 -43.13 7.07
CA ASN A 9 3.06 -42.12 6.04
C ASN A 9 3.71 -40.81 6.46
N PRO A 10 5.00 -40.62 6.12
CA PRO A 10 5.74 -39.48 6.64
C PRO A 10 5.15 -38.16 6.13
N GLY A 11 4.61 -38.12 4.92
CA GLY A 11 4.01 -36.88 4.44
C GLY A 11 2.84 -36.49 5.32
N LEU A 12 2.00 -37.46 5.67
CA LEU A 12 0.85 -37.20 6.53
C LEU A 12 1.30 -36.78 7.91
N GLN A 13 2.35 -37.39 8.43
CA GLN A 13 2.88 -36.96 9.73
C GLN A 13 3.34 -35.52 9.71
N LEU A 14 3.99 -35.11 8.62
CA LEU A 14 4.46 -33.75 8.46
C LEU A 14 3.29 -32.79 8.38
N TYR A 15 2.30 -33.17 7.60
CA TYR A 15 1.08 -32.39 7.39
C TYR A 15 0.40 -32.07 8.73
N ARG A 16 0.22 -33.10 9.56
CA ARG A 16 -0.43 -32.94 10.86
C ARG A 16 0.41 -32.09 11.80
N ALA A 17 1.71 -32.35 11.81
CA ALA A 17 2.58 -31.65 12.76
C ALA A 17 2.70 -30.18 12.41
N SER A 18 2.50 -29.83 11.13
CA SER A 18 2.59 -28.43 10.69
C SER A 18 1.47 -27.59 11.26
N TYR A 19 0.25 -28.13 11.24
CA TYR A 19 -0.84 -27.40 11.88
C TYR A 19 -0.53 -27.22 13.36
N GLU A 20 -0.02 -28.29 13.96
CA GLU A 20 0.22 -28.35 15.41
C GLU A 20 1.47 -27.62 15.89
N LYS A 21 2.19 -26.93 14.99
CA LYS A 21 3.32 -26.10 15.43
C LYS A 21 4.41 -26.92 16.09
N ASN A 22 4.55 -28.17 15.65
CA ASN A 22 5.44 -29.13 16.30
C ASN A 22 6.67 -29.39 15.44
N LEU A 23 7.69 -28.55 15.59
CA LEU A 23 8.83 -28.63 14.70
C LEU A 23 9.63 -29.94 14.85
N PRO A 24 9.77 -30.47 16.07
CA PRO A 24 10.44 -31.78 16.17
C PRO A 24 9.73 -32.88 15.41
N LYS A 25 8.40 -32.92 15.45
CA LYS A 25 7.70 -33.98 14.73
C LYS A 25 7.80 -33.71 13.22
N MET A 26 7.80 -32.44 12.82
CA MET A 26 8.00 -32.09 11.41
C MET A 26 9.35 -32.62 10.93
N ALA A 27 10.38 -32.33 11.71
CA ALA A 27 11.75 -32.74 11.39
C ALA A 27 11.84 -34.25 11.31
N GLU A 28 11.16 -34.93 12.22
CA GLU A 28 11.20 -36.39 12.24
C GLU A 28 10.58 -36.95 10.95
N ALA A 29 9.47 -36.36 10.53
CA ALA A 29 8.81 -36.77 9.29
C ALA A 29 9.74 -36.56 8.11
N LEU A 30 10.42 -35.41 8.09
CA LEU A 30 11.40 -35.13 7.02
C LEU A 30 12.54 -36.17 7.02
N ALA A 31 13.02 -36.51 8.21
CA ALA A 31 14.11 -37.49 8.34
C ALA A 31 13.70 -38.85 7.80
N HIS A 32 12.40 -39.12 7.83
CA HIS A 32 11.87 -40.41 7.36
C HIS A 32 11.49 -40.34 5.87
N GLY A 33 11.78 -39.21 5.24
CA GLY A 33 11.50 -39.02 3.82
C GLY A 33 10.20 -38.32 3.44
N ALA A 34 9.57 -37.60 4.36
CA ALA A 34 8.41 -36.81 3.99
C ALA A 34 8.75 -35.81 2.89
N ASP A 35 7.87 -35.71 1.92
CA ASP A 35 7.93 -34.65 0.93
C ASP A 35 7.39 -33.38 1.55
N VAL A 36 8.24 -32.37 1.61
CA VAL A 36 7.82 -31.11 2.19
C VAL A 36 6.64 -30.50 1.41
N ASN A 37 6.45 -30.94 0.16
CA ASN A 37 5.37 -30.47 -0.69
C ASN A 37 4.27 -31.52 -0.90
N TRP A 38 4.21 -32.48 0.03
CA TRP A 38 3.21 -33.53 0.00
C TRP A 38 1.81 -32.94 -0.09
N ALA A 39 0.98 -33.49 -0.96
CA ALA A 39 -0.42 -33.08 -1.11
C ALA A 39 -1.34 -34.17 -0.56
N ASN A 40 -2.27 -33.78 0.30
CA ASN A 40 -3.19 -34.73 0.91
C ASN A 40 -4.39 -34.90 0.00
N SER A 41 -4.44 -36.01 -0.75
CA SER A 41 -5.51 -36.22 -1.72
C SER A 41 -6.87 -36.39 -1.06
N GLU A 42 -6.88 -36.68 0.24
CA GLU A 42 -8.12 -36.86 0.99
C GLU A 42 -8.65 -35.53 1.57
N GLU A 43 -7.85 -34.47 1.48
CA GLU A 43 -8.19 -33.18 2.07
C GLU A 43 -7.78 -32.06 1.10
N ASN A 44 -8.42 -32.10 -0.07
CA ASN A 44 -8.31 -31.03 -1.07
C ASN A 44 -6.90 -30.77 -1.58
N LYS A 45 -6.05 -31.78 -1.53
CA LYS A 45 -4.65 -31.63 -1.93
C LYS A 45 -3.94 -30.50 -1.17
N ALA A 46 -4.37 -30.28 0.06
CA ALA A 46 -3.66 -29.33 0.90
C ALA A 46 -2.28 -29.89 1.30
N THR A 47 -1.42 -28.98 1.72
CA THR A 47 0.00 -29.22 1.90
C THR A 47 0.43 -28.92 3.32
N PRO A 48 1.65 -29.32 3.69
CA PRO A 48 2.18 -28.90 4.98
C PRO A 48 2.22 -27.40 5.15
N LEU A 49 2.56 -26.65 4.09
CA LEU A 49 2.67 -25.21 4.29
C LEU A 49 1.29 -24.62 4.44
N ILE A 50 0.30 -25.15 3.73
CA ILE A 50 -1.06 -24.67 3.96
C ILE A 50 -1.50 -25.03 5.41
N GLN A 51 -1.16 -26.22 5.90
CA GLN A 51 -1.47 -26.54 7.29
C GLN A 51 -0.80 -25.58 8.26
N ALA A 52 0.43 -25.15 7.94
CA ALA A 52 1.16 -24.22 8.81
C ALA A 52 0.45 -22.89 8.87
N VAL A 53 -0.10 -22.49 7.73
CA VAL A 53 -0.87 -21.23 7.68
C VAL A 53 -2.12 -21.36 8.56
N LEU A 54 -2.88 -22.42 8.36
CA LEU A 54 -4.11 -22.64 9.13
C LEU A 54 -3.85 -22.72 10.63
N GLY A 55 -2.70 -23.30 11.01
CA GLY A 55 -2.32 -23.44 12.42
C GLY A 55 -1.92 -22.14 13.08
N GLY A 56 -1.61 -21.16 12.24
CA GLY A 56 -1.31 -19.80 12.69
C GLY A 56 0.11 -19.44 13.09
N SER A 57 1.03 -20.39 13.01
CA SER A 57 2.41 -20.19 13.46
C SER A 57 3.29 -19.65 12.35
N LEU A 58 4.00 -18.56 12.65
CA LEU A 58 4.94 -18.04 11.70
C LEU A 58 6.18 -18.95 11.60
N VAL A 59 6.65 -19.47 12.73
CA VAL A 59 7.92 -20.22 12.74
C VAL A 59 7.76 -21.54 12.01
N THR A 60 6.56 -22.09 12.01
CA THR A 60 6.30 -23.32 11.28
CA THR A 60 6.31 -23.32 11.28
CA THR A 60 6.33 -23.33 11.26
C THR A 60 6.40 -23.08 9.77
N CYS A 61 5.82 -21.96 9.32
CA CYS A 61 5.96 -21.57 7.91
C CYS A 61 7.43 -21.39 7.55
N GLU A 62 8.17 -20.67 8.40
CA GLU A 62 9.59 -20.43 8.16
C GLU A 62 10.32 -21.77 8.02
N PHE A 63 10.09 -22.68 8.95
CA PHE A 63 10.78 -23.99 8.93
C PHE A 63 10.54 -24.75 7.61
N LEU A 64 9.28 -24.78 7.17
CA LEU A 64 8.96 -25.44 5.92
C LEU A 64 9.65 -24.79 4.73
N LEU A 65 9.64 -23.47 4.65
CA LEU A 65 10.33 -22.76 3.57
C LEU A 65 11.83 -23.03 3.58
N GLN A 66 12.42 -23.08 4.78
CA GLN A 66 13.85 -23.35 4.94
C GLN A 66 14.18 -24.78 4.52
N ASN A 67 13.17 -25.64 4.49
CA ASN A 67 13.41 -27.04 4.13
C ASN A 67 12.81 -27.38 2.75
N GLY A 68 12.60 -26.35 1.95
CA GLY A 68 12.32 -26.49 0.53
C GLY A 68 10.87 -26.42 0.08
N ALA A 69 9.98 -25.97 0.96
CA ALA A 69 8.58 -25.84 0.58
C ALA A 69 8.42 -24.87 -0.56
N ASN A 70 7.55 -25.21 -1.50
CA ASN A 70 7.15 -24.31 -2.58
C ASN A 70 6.13 -23.32 -2.03
N VAL A 71 6.52 -22.03 -1.96
CA VAL A 71 5.67 -20.99 -1.36
C VAL A 71 4.40 -20.77 -2.18
N ASN A 72 4.38 -21.27 -3.42
CA ASN A 72 3.23 -21.00 -4.28
C ASN A 72 2.29 -22.19 -4.46
N GLN A 73 2.65 -23.37 -3.95
CA GLN A 73 1.93 -24.59 -4.33
C GLN A 73 0.49 -24.51 -3.84
N ARG A 74 -0.44 -24.81 -4.73
CA ARG A 74 -1.87 -24.63 -4.46
C ARG A 74 -2.59 -25.90 -4.05
N ASP A 75 -3.66 -25.72 -3.28
CA ASP A 75 -4.63 -26.83 -3.09
C ASP A 75 -5.49 -27.00 -4.35
N VAL A 76 -6.43 -27.95 -4.31
CA VAL A 76 -7.16 -28.30 -5.50
C VAL A 76 -8.13 -27.20 -5.94
N GLN A 77 -8.39 -26.23 -5.05
CA GLN A 77 -9.20 -25.06 -5.38
C GLN A 77 -8.34 -23.92 -5.93
N GLY A 78 -7.07 -24.21 -6.14
CA GLY A 78 -6.11 -23.26 -6.70
C GLY A 78 -5.59 -22.23 -5.73
N ARG A 79 -5.74 -22.52 -4.43
CA ARG A 79 -5.37 -21.56 -3.38
C ARG A 79 -4.05 -21.94 -2.76
N GLY A 80 -3.06 -21.03 -2.79
CA GLY A 80 -1.77 -21.26 -2.16
C GLY A 80 -1.71 -20.67 -0.77
N PRO A 81 -0.55 -20.79 -0.12
CA PRO A 81 -0.31 -20.31 1.25
C PRO A 81 -0.67 -18.83 1.37
N LEU A 82 -0.29 -18.00 0.41
CA LEU A 82 -0.61 -16.58 0.55
C LEU A 82 -2.12 -16.32 0.52
N HIS A 83 -2.86 -17.00 -0.36
CA HIS A 83 -4.33 -16.90 -0.37
C HIS A 83 -4.91 -17.21 1.01
N HIS A 84 -4.51 -18.34 1.57
CA HIS A 84 -5.07 -18.74 2.85
C HIS A 84 -4.69 -17.81 3.99
N ALA A 85 -3.45 -17.33 3.99
CA ALA A 85 -3.04 -16.40 5.04
C ALA A 85 -3.82 -15.10 4.95
N THR A 86 -4.10 -14.67 3.71
CA THR A 86 -4.90 -13.46 3.51
C THR A 86 -6.32 -13.64 4.02
N VAL A 87 -6.98 -14.72 3.63
CA VAL A 87 -8.32 -15.02 4.09
C VAL A 87 -8.41 -15.06 5.63
N LEU A 88 -7.41 -15.66 6.28
CA LEU A 88 -7.48 -15.79 7.74
C LEU A 88 -7.00 -14.53 8.50
N GLY A 89 -6.45 -13.55 7.77
CA GLY A 89 -6.01 -12.30 8.40
C GLY A 89 -4.65 -12.44 9.07
N HIS A 90 -3.89 -13.44 8.63
CA HIS A 90 -2.55 -13.70 9.19
C HIS A 90 -1.49 -12.78 8.60
N THR A 91 -1.46 -11.55 9.12
CA THR A 91 -0.61 -10.50 8.58
C THR A 91 0.88 -10.87 8.56
N GLY A 92 1.34 -11.51 9.62
CA GLY A 92 2.76 -11.87 9.69
C GLY A 92 3.13 -12.90 8.63
N GLN A 93 2.28 -13.89 8.44
CA GLN A 93 2.51 -14.87 7.39
C GLN A 93 2.46 -14.24 6.00
N VAL A 94 1.55 -13.28 5.79
CA VAL A 94 1.51 -12.55 4.51
C VAL A 94 2.86 -11.85 4.27
N CYS A 95 3.41 -11.20 5.29
CA CYS A 95 4.66 -10.50 5.15
C CYS A 95 5.80 -11.47 4.78
N LEU A 96 5.87 -12.59 5.51
CA LEU A 96 6.89 -13.62 5.24
C LEU A 96 6.81 -14.13 3.80
N PHE A 97 5.61 -14.49 3.38
CA PHE A 97 5.44 -15.04 2.04
C PHE A 97 5.79 -14.02 0.98
N LEU A 98 5.40 -12.76 1.16
CA LEU A 98 5.75 -11.73 0.19
C LEU A 98 7.30 -11.59 0.10
N LYS A 99 8.00 -11.60 1.23
CA LYS A 99 9.45 -11.47 1.22
C LYS A 99 10.13 -12.70 0.66
N ARG A 100 9.41 -13.82 0.64
CA ARG A 100 9.97 -15.06 0.11
C ARG A 100 9.55 -15.34 -1.33
N GLY A 101 9.05 -14.32 -2.02
CA GLY A 101 8.76 -14.41 -3.45
C GLY A 101 7.42 -15.05 -3.84
N ALA A 102 6.50 -15.14 -2.90
CA ALA A 102 5.15 -15.61 -3.22
C ALA A 102 4.52 -14.80 -4.35
N ASN A 103 3.83 -15.50 -5.24
CA ASN A 103 3.09 -14.88 -6.35
C ASN A 103 1.75 -14.32 -5.90
N GLN A 104 1.68 -13.01 -5.71
CA GLN A 104 0.44 -12.44 -5.21
C GLN A 104 -0.55 -12.19 -6.33
N HIS A 105 -0.14 -12.45 -7.56
CA HIS A 105 -1.02 -12.28 -8.72
C HIS A 105 -1.85 -13.55 -8.98
N ALA A 106 -1.46 -14.65 -8.35
CA ALA A 106 -2.17 -15.92 -8.50
C ALA A 106 -3.64 -15.77 -8.14
N THR A 107 -4.53 -16.27 -8.98
CA THR A 107 -5.95 -16.32 -8.62
C THR A 107 -6.40 -17.74 -8.41
N ASP A 108 -7.35 -17.95 -7.51
CA ASP A 108 -7.82 -19.31 -7.28
C ASP A 108 -8.83 -19.69 -8.39
N GLU A 109 -9.46 -20.86 -8.24
CA GLU A 109 -10.37 -21.32 -9.29
C GLU A 109 -11.64 -20.45 -9.40
N GLU A 110 -11.92 -19.65 -8.38
CA GLU A 110 -13.03 -18.71 -8.45
C GLU A 110 -12.61 -17.36 -9.02
N GLY A 111 -11.33 -17.21 -9.33
CA GLY A 111 -10.82 -16.00 -9.94
C GLY A 111 -10.35 -14.91 -8.98
N LYS A 112 -10.23 -15.24 -7.70
CA LYS A 112 -9.83 -14.22 -6.71
C LYS A 112 -8.34 -14.22 -6.41
N ASP A 113 -7.74 -13.03 -6.35
CA ASP A 113 -6.36 -12.91 -5.87
C ASP A 113 -6.33 -12.37 -4.44
N PRO A 114 -5.16 -12.45 -3.79
CA PRO A 114 -5.09 -12.01 -2.40
C PRO A 114 -5.49 -10.57 -2.21
N LEU A 115 -5.11 -9.71 -3.14
CA LEU A 115 -5.48 -8.29 -2.98
C LEU A 115 -7.00 -8.11 -3.01
N SER A 116 -7.70 -8.79 -3.92
CA SER A 116 -9.16 -8.60 -4.00
C SER A 116 -9.80 -9.05 -2.69
N ILE A 117 -9.27 -10.12 -2.12
CA ILE A 117 -9.79 -10.66 -0.85
C ILE A 117 -9.56 -9.66 0.29
N ALA A 118 -8.33 -9.17 0.40
CA ALA A 118 -8.00 -8.16 1.43
C ALA A 118 -8.79 -6.87 1.31
N VAL A 119 -9.04 -6.41 0.08
CA VAL A 119 -9.81 -5.20 -0.14
C VAL A 119 -11.25 -5.45 0.28
N GLU A 120 -11.84 -6.59 -0.11
CA GLU A 120 -13.21 -6.88 0.29
C GLU A 120 -13.34 -6.97 1.80
N ALA A 121 -12.29 -7.49 2.44
CA ALA A 121 -12.27 -7.61 3.91
C ALA A 121 -11.97 -6.28 4.59
N ALA A 122 -11.67 -5.25 3.79
CA ALA A 122 -11.27 -3.91 4.32
C ALA A 122 -10.14 -4.03 5.34
N ASN A 123 -9.17 -4.85 5.00
CA ASN A 123 -8.05 -5.13 5.89
C ASN A 123 -6.89 -4.19 5.58
N ALA A 124 -6.82 -3.06 6.29
CA ALA A 124 -5.81 -2.06 5.94
C ALA A 124 -4.38 -2.59 5.95
N ASP A 125 -4.05 -3.41 6.94
CA ASP A 125 -2.68 -3.86 7.09
C ASP A 125 -2.30 -4.81 5.95
N ILE A 126 -3.18 -5.75 5.61
CA ILE A 126 -2.78 -6.71 4.59
C ILE A 126 -2.83 -6.05 3.22
N VAL A 127 -3.78 -5.16 2.97
CA VAL A 127 -3.77 -4.44 1.69
C VAL A 127 -2.46 -3.65 1.56
N THR A 128 -2.06 -3.00 2.65
CA THR A 128 -0.82 -2.21 2.63
C THR A 128 0.41 -3.06 2.28
N LEU A 129 0.55 -4.23 2.89
CA LEU A 129 1.68 -5.12 2.57
C LEU A 129 1.63 -5.57 1.11
N LEU A 130 0.44 -5.98 0.63
CA LEU A 130 0.32 -6.43 -0.76
C LEU A 130 0.64 -5.29 -1.72
N ARG A 131 0.14 -4.09 -1.45
CA ARG A 131 0.36 -2.97 -2.36
CA ARG A 131 0.36 -2.98 -2.37
C ARG A 131 1.81 -2.53 -2.34
N LEU A 132 2.44 -2.51 -1.16
CA LEU A 132 3.85 -2.07 -1.11
C LEU A 132 4.79 -3.12 -1.76
N ALA A 133 4.42 -4.40 -1.67
CA ALA A 133 5.17 -5.42 -2.40
C ALA A 133 5.01 -5.27 -3.92
N ARG A 134 3.81 -4.89 -4.37
CA ARG A 134 3.60 -4.59 -5.79
C ARG A 134 4.44 -3.39 -6.22
N MET A 135 4.52 -2.37 -5.37
CA MET A 135 5.33 -1.20 -5.68
C MET A 135 6.79 -1.62 -5.91
N ASN A 136 7.30 -2.51 -5.06
CA ASN A 136 8.64 -3.07 -5.23
C ASN A 136 8.76 -3.82 -6.56
N GLU A 137 7.72 -4.58 -6.91
CA GLU A 137 7.72 -5.28 -8.21
C GLU A 137 7.84 -4.27 -9.35
N GLU A 138 7.06 -3.21 -9.26
CA GLU A 138 7.07 -2.21 -10.35
C GLU A 138 8.39 -1.44 -10.42
N MET A 139 8.96 -1.12 -9.26
CA MET A 139 10.26 -0.46 -9.20
C MET A 139 11.34 -1.33 -9.81
N ARG A 140 11.25 -2.64 -9.58
CA ARG A 140 12.23 -3.60 -10.09
C ARG A 140 12.08 -3.78 -11.60
N GLU A 141 10.84 -3.90 -12.04
CA GLU A 141 10.51 -4.14 -13.45
C GLU A 141 11.04 -3.03 -14.36
N SER A 142 11.09 -1.80 -13.85
CA SER A 142 11.65 -0.68 -14.60
C SER A 142 13.19 -0.79 -14.69
N GLU A 143 13.75 -1.69 -13.88
CA GLU A 143 15.19 -1.90 -13.86
C GLU A 143 15.53 -3.36 -14.13
N ASP A 151 16.44 1.33 1.08
CA ASP A 151 16.75 1.80 -0.27
C ASP A 151 15.60 2.67 -0.78
N GLU A 152 15.94 3.76 -1.45
CA GLU A 152 14.94 4.70 -1.98
C GLU A 152 13.95 4.02 -2.94
N THR A 153 14.42 3.00 -3.65
CA THR A 153 13.58 2.29 -4.61
C THR A 153 12.90 1.07 -4.00
N TYR A 154 13.28 0.74 -2.78
CA TYR A 154 12.86 -0.54 -2.22
C TYR A 154 12.17 -0.39 -0.85
N GLN A 155 10.86 -0.66 -0.82
CA GLN A 155 10.09 -0.59 0.42
C GLN A 155 10.45 -1.72 1.36
N ASP A 156 10.79 -1.38 2.59
CA ASP A 156 11.10 -2.37 3.64
C ASP A 156 9.78 -2.84 4.26
N ILE A 157 9.14 -3.87 3.72
CA ILE A 157 7.78 -4.16 4.21
C ILE A 157 7.86 -4.83 5.59
N PHE A 158 9.01 -5.41 5.95
CA PHE A 158 9.14 -5.90 7.33
C PHE A 158 9.02 -4.75 8.32
N ARG A 159 9.70 -3.64 8.01
CA ARG A 159 9.62 -2.48 8.88
C ARG A 159 8.17 -2.01 9.00
N ASP A 160 7.46 -2.00 7.89
CA ASP A 160 6.03 -1.63 7.89
C ASP A 160 5.16 -2.63 8.67
N PHE A 161 5.54 -3.91 8.62
CA PHE A 161 4.83 -4.95 9.33
C PHE A 161 5.09 -4.85 10.86
N SER A 162 6.29 -4.39 11.22
CA SER A 162 6.79 -4.56 12.59
C SER A 162 5.88 -3.96 13.68
N GLN A 163 5.05 -2.97 13.34
CA GLN A 163 4.15 -2.43 14.37
C GLN A 163 2.68 -2.75 14.10
N MET A 164 2.43 -3.57 13.08
CA MET A 164 1.09 -4.14 12.82
C MET A 164 0.80 -5.35 13.71
N ALA A 165 -0.48 -5.62 13.95
CA ALA A 165 -0.86 -6.87 14.61
C ALA A 165 -0.51 -8.07 13.73
N SER A 166 0.02 -9.13 14.34
CA SER A 166 0.48 -10.28 13.57
C SER A 166 -0.70 -11.08 12.98
N ASN A 167 -1.89 -10.85 13.55
CA ASN A 167 -3.11 -11.56 13.17
C ASN A 167 -4.35 -10.85 13.71
N ASN A 168 -5.53 -11.34 13.34
CA ASN A 168 -6.76 -10.83 13.92
C ASN A 168 -7.55 -11.99 14.52
N PRO A 169 -7.53 -12.10 15.86
CA PRO A 169 -8.20 -13.19 16.58
C PRO A 169 -9.73 -13.15 16.50
N GLU A 170 -10.28 -12.05 15.98
CA GLU A 170 -11.73 -11.93 15.82
C GLU A 170 -12.20 -12.50 14.48
N LYS A 171 -11.25 -12.65 13.55
CA LYS A 171 -11.46 -13.34 12.29
C LYS A 171 -11.66 -14.84 12.53
N LEU A 172 -12.40 -15.50 11.66
CA LEU A 172 -12.52 -16.96 11.75
C LEU A 172 -11.18 -17.61 11.44
N ASN A 173 -10.49 -18.08 12.49
CA ASN A 173 -9.24 -18.84 12.35
C ASN A 173 -9.03 -19.69 13.60
N ARG A 174 -7.80 -20.15 13.82
CA ARG A 174 -7.54 -20.99 15.00
C ARG A 174 -7.76 -20.22 16.30
N ALA B 8 23.98 5.43 -10.50
CA ALA B 8 23.36 5.61 -11.81
C ALA B 8 22.14 4.70 -11.93
N ARG B 9 20.98 5.29 -12.19
CA ARG B 9 19.73 4.54 -12.25
C ARG B 9 18.91 4.89 -13.51
N ASP B 10 17.73 4.30 -13.64
CA ASP B 10 16.90 4.53 -14.83
C ASP B 10 16.39 5.98 -14.88
N TYR B 11 16.22 6.58 -13.72
CA TYR B 11 15.73 7.95 -13.56
C TYR B 11 16.87 8.86 -13.16
N ASP B 12 16.66 10.16 -13.26
CA ASP B 12 17.67 11.10 -12.74
C ASP B 12 17.35 11.54 -11.30
N HIS B 13 16.06 11.59 -10.99
CA HIS B 13 15.59 11.93 -9.67
C HIS B 13 14.40 11.06 -9.32
N LEU B 14 14.31 10.66 -8.06
CA LEU B 14 13.15 9.94 -7.57
C LEU B 14 12.54 10.69 -6.40
N PHE B 15 11.24 10.97 -6.46
CA PHE B 15 10.55 11.61 -5.33
C PHE B 15 9.33 10.83 -4.89
N LYS B 16 9.13 10.78 -3.57
CA LYS B 16 7.88 10.27 -3.01
C LYS B 16 6.93 11.42 -2.70
N LEU B 17 5.73 11.35 -3.28
CA LEU B 17 4.68 12.32 -2.98
C LEU B 17 3.58 11.60 -2.23
N LEU B 18 2.98 12.25 -1.22
CA LEU B 18 1.93 11.63 -0.43
C LEU B 18 0.67 12.47 -0.52
N ILE B 19 -0.46 11.86 -0.88
CA ILE B 19 -1.75 12.58 -0.92
C ILE B 19 -2.57 12.28 0.33
N ILE B 20 -2.89 13.34 1.10
CA ILE B 20 -3.65 13.19 2.34
C ILE B 20 -4.86 14.11 2.33
N GLY B 21 -5.78 13.84 3.24
CA GLY B 21 -7.02 14.62 3.29
C GLY B 21 -8.20 13.74 3.63
N ASP B 22 -9.34 14.34 3.97
CA ASP B 22 -10.51 13.58 4.42
C ASP B 22 -11.03 12.61 3.38
N SER B 23 -11.68 11.55 3.86
CA SER B 23 -12.32 10.60 2.97
C SER B 23 -13.36 11.32 2.11
N GLY B 24 -13.37 11.02 0.82
CA GLY B 24 -14.39 11.51 -0.10
C GLY B 24 -13.97 12.76 -0.85
N VAL B 25 -12.82 13.32 -0.51
CA VAL B 25 -12.51 14.65 -1.09
C VAL B 25 -12.01 14.56 -2.52
N GLY B 26 -11.53 13.37 -2.94
CA GLY B 26 -11.11 13.21 -4.31
C GLY B 26 -9.65 12.88 -4.49
N LYS B 27 -8.97 12.44 -3.42
CA LYS B 27 -7.55 12.05 -3.52
C LYS B 27 -7.26 11.03 -4.62
N SER B 28 -8.00 9.93 -4.60
CA SER B 28 -7.77 8.85 -5.56
C SER B 28 -8.12 9.32 -6.97
N SER B 29 -9.15 10.15 -7.06
CA SER B 29 -9.57 10.66 -8.35
C SER B 29 -8.54 11.62 -8.97
N LEU B 30 -7.93 12.45 -8.15
CA LEU B 30 -6.87 13.31 -8.63
C LEU B 30 -5.71 12.46 -9.11
N LEU B 31 -5.38 11.43 -8.35
CA LEU B 31 -4.25 10.56 -8.74
C LEU B 31 -4.56 9.83 -10.05
N LEU B 32 -5.78 9.34 -10.20
CA LEU B 32 -6.11 8.61 -11.42
C LEU B 32 -6.14 9.57 -12.63
N ARG B 33 -6.63 10.79 -12.44
CA ARG B 33 -6.66 11.73 -13.54
C ARG B 33 -5.23 12.02 -14.00
N PHE B 34 -4.35 12.27 -13.05
CA PHE B 34 -2.94 12.54 -13.39
C PHE B 34 -2.28 11.33 -14.05
N ALA B 35 -2.52 10.15 -13.48
CA ALA B 35 -1.80 8.95 -13.90
C ALA B 35 -2.31 8.29 -15.17
N ASP B 36 -3.62 8.35 -15.39
CA ASP B 36 -4.23 7.62 -16.49
C ASP B 36 -5.14 8.50 -17.35
N ASN B 37 -5.29 9.76 -16.98
CA ASN B 37 -6.25 10.66 -17.64
C ASN B 37 -7.65 10.08 -17.73
N THR B 38 -8.09 9.47 -16.62
CA THR B 38 -9.45 8.96 -16.57
C THR B 38 -10.15 9.47 -15.31
N PHE B 39 -11.46 9.42 -15.35
CA PHE B 39 -12.31 9.74 -14.20
C PHE B 39 -13.53 8.82 -14.28
N SER B 40 -13.76 8.03 -13.26
CA SER B 40 -14.81 7.01 -13.35
C SER B 40 -16.20 7.50 -12.96
N GLY B 41 -16.27 8.36 -11.94
CA GLY B 41 -17.54 8.84 -11.43
C GLY B 41 -18.00 7.99 -10.26
N SER B 42 -17.38 6.82 -10.14
CA SER B 42 -17.74 5.94 -9.05
CA SER B 42 -17.70 5.90 -9.07
C SER B 42 -16.82 6.16 -7.85
N TYR B 43 -17.29 5.74 -6.70
CA TYR B 43 -16.49 5.89 -5.48
C TYR B 43 -16.12 4.51 -4.98
N ILE B 44 -14.82 4.26 -5.00
CA ILE B 44 -14.25 3.05 -4.40
C ILE B 44 -13.34 3.49 -3.26
N THR B 45 -13.76 3.16 -2.05
CA THR B 45 -13.05 3.58 -0.85
C THR B 45 -11.64 3.01 -0.81
N THR B 46 -10.65 3.86 -0.60
CA THR B 46 -9.26 3.40 -0.51
C THR B 46 -9.03 2.69 0.82
N ILE B 47 -8.57 1.43 0.76
CA ILE B 47 -8.25 0.69 1.97
C ILE B 47 -6.72 0.67 2.13
N GLY B 48 -6.22 1.14 3.28
CA GLY B 48 -4.78 1.12 3.55
C GLY B 48 -4.03 2.16 2.75
N VAL B 49 -3.65 1.80 1.53
CA VAL B 49 -2.90 2.71 0.71
C VAL B 49 -3.05 2.27 -0.73
N ASP B 50 -2.87 3.21 -1.66
CA ASP B 50 -2.72 2.85 -3.05
C ASP B 50 -1.60 3.69 -3.62
N PHE B 51 -1.23 3.44 -4.85
CA PHE B 51 -0.13 4.24 -5.43
C PHE B 51 -0.14 4.21 -6.92
N LYS B 52 0.59 5.17 -7.50
CA LYS B 52 0.96 5.13 -8.94
C LYS B 52 2.39 5.57 -9.07
N ILE B 53 3.11 4.98 -10.03
CA ILE B 53 4.46 5.42 -10.34
C ILE B 53 4.43 5.98 -11.74
N ARG B 54 4.83 7.24 -11.87
CA ARG B 54 4.84 7.91 -13.17
C ARG B 54 6.12 8.70 -13.34
N THR B 55 6.55 8.86 -14.59
CA THR B 55 7.74 9.67 -14.87
C THR B 55 7.34 10.93 -15.62
N VAL B 56 8.07 12.01 -15.38
CA VAL B 56 7.92 13.24 -16.15
C VAL B 56 9.31 13.74 -16.53
N GLU B 57 9.39 14.51 -17.62
CA GLU B 57 10.64 15.09 -18.08
C GLU B 57 10.66 16.58 -17.77
N ILE B 58 11.68 17.02 -17.03
CA ILE B 58 11.77 18.44 -16.61
C ILE B 58 13.17 18.94 -16.80
N ASN B 59 13.34 19.98 -17.61
CA ASN B 59 14.65 20.57 -17.89
C ASN B 59 15.72 19.53 -18.22
N GLY B 60 15.32 18.57 -19.04
CA GLY B 60 16.27 17.60 -19.57
C GLY B 60 16.57 16.45 -18.62
N GLU B 61 15.78 16.33 -17.56
CA GLU B 61 15.97 15.24 -16.61
C GLU B 61 14.70 14.44 -16.40
N LYS B 62 14.87 13.14 -16.23
CA LYS B 62 13.73 12.27 -15.98
C LYS B 62 13.48 12.19 -14.50
N VAL B 63 12.28 12.60 -14.08
CA VAL B 63 11.89 12.58 -12.70
C VAL B 63 10.88 11.48 -12.48
N LYS B 64 11.19 10.53 -11.60
CA LYS B 64 10.24 9.44 -11.31
C LYS B 64 9.47 9.79 -10.03
N LEU B 65 8.14 9.77 -10.12
CA LEU B 65 7.24 10.11 -9.00
C LEU B 65 6.61 8.83 -8.48
N GLN B 66 6.87 8.55 -7.21
CA GLN B 66 6.22 7.48 -6.51
C GLN B 66 5.09 8.10 -5.68
N ILE B 67 3.85 8.03 -6.16
CA ILE B 67 2.77 8.84 -5.57
C ILE B 67 1.89 7.96 -4.73
N TRP B 68 1.93 8.21 -3.44
CA TRP B 68 1.14 7.42 -2.48
C TRP B 68 -0.19 8.09 -2.18
N ASP B 69 -1.22 7.25 -2.06
CA ASP B 69 -2.60 7.69 -1.87
C ASP B 69 -3.14 7.05 -0.61
N THR B 70 -3.34 7.84 0.44
CA THR B 70 -3.78 7.33 1.73
CA THR B 70 -3.80 7.26 1.73
C THR B 70 -5.29 7.09 1.83
N ALA B 71 -5.67 6.14 2.68
CA ALA B 71 -7.06 6.01 3.08
C ALA B 71 -7.37 7.25 3.92
N GLY B 72 -8.48 7.93 3.62
CA GLY B 72 -8.92 9.08 4.41
C GLY B 72 -9.61 8.67 5.72
N LEU B 73 -10.13 7.45 5.75
CA LEU B 73 -10.87 6.99 6.93
C LEU B 73 -9.98 6.28 7.93
N GLU B 74 -10.03 6.73 9.19
CA GLU B 74 -9.10 6.22 10.19
C GLU B 74 -9.22 4.69 10.34
N ARG B 75 -10.45 4.19 10.26
CA ARG B 75 -10.74 2.75 10.32
C ARG B 75 -9.93 1.94 9.32
N PHE B 76 -9.59 2.55 8.19
CA PHE B 76 -8.95 1.82 7.11
C PHE B 76 -7.51 2.30 6.85
N ARG B 77 -6.93 3.03 7.81
CA ARG B 77 -5.52 3.43 7.71
C ARG B 77 -4.60 2.42 8.37
N THR B 78 -3.40 2.28 7.83
CA THR B 78 -2.36 1.49 8.51
C THR B 78 -1.52 2.41 9.39
N ILE B 79 -0.40 1.92 9.89
CA ILE B 79 0.44 2.69 10.81
C ILE B 79 0.89 4.03 10.17
N THR B 80 0.73 5.13 10.91
CA THR B 80 0.88 6.42 10.28
C THR B 80 2.30 6.65 9.70
N SER B 81 3.33 6.18 10.42
CA SER B 81 4.71 6.42 9.99
C SER B 81 5.01 5.77 8.65
N THR B 82 4.26 4.73 8.31
CA THR B 82 4.46 4.08 6.99
C THR B 82 4.14 5.05 5.84
N TYR B 83 3.09 5.85 5.98
CA TYR B 83 2.74 6.84 4.95
C TYR B 83 3.83 7.90 4.77
N TYR B 84 4.34 8.40 5.90
CA TYR B 84 5.20 9.59 5.84
C TYR B 84 6.66 9.27 5.60
N ARG B 85 7.10 8.06 5.92
CA ARG B 85 8.52 7.78 5.80
C ARG B 85 9.05 8.03 4.37
N GLY B 86 10.14 8.78 4.28
CA GLY B 86 10.77 9.05 2.98
C GLY B 86 10.05 10.03 2.07
N THR B 87 8.99 10.66 2.55
CA THR B 87 8.24 11.60 1.75
C THR B 87 8.99 12.88 1.42
N HIS B 88 8.90 13.29 0.15
CA HIS B 88 9.48 14.59 -0.26
C HIS B 88 8.45 15.69 -0.35
N GLY B 89 7.22 15.33 -0.73
CA GLY B 89 6.18 16.34 -0.92
C GLY B 89 4.84 15.80 -0.49
N VAL B 90 4.03 16.65 0.17
CA VAL B 90 2.71 16.24 0.60
C VAL B 90 1.67 17.11 -0.06
N ILE B 91 0.65 16.47 -0.60
CA ILE B 91 -0.47 17.10 -1.28
C ILE B 91 -1.67 16.99 -0.35
N VAL B 92 -2.17 18.13 0.15
CA VAL B 92 -3.21 18.11 1.15
C VAL B 92 -4.50 18.54 0.48
N VAL B 93 -5.48 17.66 0.48
CA VAL B 93 -6.67 17.88 -0.31
C VAL B 93 -7.89 18.12 0.55
N TYR B 94 -8.67 19.14 0.20
CA TYR B 94 -10.04 19.26 0.73
C TYR B 94 -11.02 19.33 -0.44
N ASP B 95 -12.30 19.38 -0.08
CA ASP B 95 -13.42 19.39 -1.02
C ASP B 95 -14.08 20.76 -0.88
N VAL B 96 -14.07 21.57 -1.93
CA VAL B 96 -14.65 22.93 -1.82
C VAL B 96 -16.15 22.95 -1.52
N THR B 97 -16.83 21.80 -1.65
CA THR B 97 -18.25 21.70 -1.28
C THR B 97 -18.45 21.22 0.16
N SER B 98 -17.38 21.00 0.90
CA SER B 98 -17.46 20.49 2.28
C SER B 98 -16.65 21.32 3.26
N ALA B 99 -17.35 22.16 4.02
CA ALA B 99 -16.70 23.00 5.02
C ALA B 99 -15.89 22.17 6.02
N GLU B 100 -16.43 21.02 6.42
CA GLU B 100 -15.76 20.13 7.36
C GLU B 100 -14.37 19.71 6.82
N SER B 101 -14.27 19.43 5.53
CA SER B 101 -13.01 18.92 4.99
C SER B 101 -11.95 20.00 5.02
N PHE B 102 -12.40 21.24 4.92
CA PHE B 102 -11.50 22.38 4.98
C PHE B 102 -11.10 22.70 6.42
N VAL B 103 -12.06 22.63 7.34
CA VAL B 103 -11.76 22.72 8.77
C VAL B 103 -10.70 21.70 9.18
N ASN B 104 -10.78 20.52 8.59
CA ASN B 104 -9.85 19.45 8.95
C ASN B 104 -8.47 19.58 8.34
N VAL B 105 -8.28 20.50 7.41
CA VAL B 105 -6.95 20.72 6.82
C VAL B 105 -5.91 20.97 7.93
N LYS B 106 -6.23 21.80 8.92
CA LYS B 106 -5.25 22.05 9.99
C LYS B 106 -4.85 20.77 10.73
N ARG B 107 -5.78 19.82 10.85
CA ARG B 107 -5.44 18.52 11.46
C ARG B 107 -4.46 17.75 10.57
N TRP B 108 -4.67 17.81 9.26
CA TRP B 108 -3.75 17.11 8.34
C TRP B 108 -2.36 17.77 8.35
N LEU B 109 -2.33 19.10 8.40
CA LEU B 109 -1.07 19.82 8.50
C LEU B 109 -0.34 19.45 9.81
N HIS B 110 -1.07 19.29 10.92
CA HIS B 110 -0.48 18.86 12.18
C HIS B 110 0.14 17.45 12.02
N GLU B 111 -0.55 16.58 11.30
CA GLU B 111 -0.07 15.20 11.14
C GLU B 111 1.24 15.18 10.37
N ILE B 112 1.33 15.99 9.32
CA ILE B 112 2.57 16.17 8.59
C ILE B 112 3.69 16.57 9.55
N ASN B 113 3.43 17.59 10.38
CA ASN B 113 4.44 18.14 11.30
C ASN B 113 4.90 17.15 12.38
N GLN B 114 4.02 16.21 12.76
CA GLN B 114 4.38 15.23 13.76
CA GLN B 114 4.32 15.18 13.73
C GLN B 114 5.19 14.10 13.14
N ASN B 115 5.21 14.03 11.81
CA ASN B 115 5.86 12.88 11.18
C ASN B 115 7.01 13.22 10.24
N CYS B 116 7.11 14.49 9.85
CA CYS B 116 8.10 14.92 8.83
C CYS B 116 8.92 16.10 9.31
N ASP B 117 10.21 16.08 9.04
CA ASP B 117 11.06 17.17 9.48
C ASP B 117 11.00 18.31 8.47
N ASP B 118 11.11 17.96 7.20
CA ASP B 118 11.31 18.97 6.17
C ASP B 118 10.77 18.52 4.82
N VAL B 119 9.52 18.87 4.54
CA VAL B 119 8.89 18.47 3.29
C VAL B 119 8.25 19.66 2.58
N CYS B 120 8.09 19.55 1.27
CA CYS B 120 7.29 20.50 0.50
C CYS B 120 5.85 20.18 0.70
N ARG B 121 5.01 21.20 0.62
CA ARG B 121 3.57 21.04 0.79
CA ARG B 121 3.58 21.00 0.75
C ARG B 121 2.82 21.80 -0.30
N ILE B 122 1.63 21.32 -0.64
CA ILE B 122 0.74 22.02 -1.54
C ILE B 122 -0.69 21.76 -1.05
N LEU B 123 -1.56 22.76 -1.18
CA LEU B 123 -2.97 22.62 -0.79
C LEU B 123 -3.86 22.53 -2.00
N VAL B 124 -4.88 21.67 -1.95
CA VAL B 124 -5.72 21.45 -3.12
C VAL B 124 -7.19 21.47 -2.72
N GLY B 125 -7.94 22.39 -3.33
CA GLY B 125 -9.37 22.44 -3.12
C GLY B 125 -10.05 21.80 -4.31
N ASN B 126 -10.48 20.55 -4.13
CA ASN B 126 -10.98 19.75 -5.26
C ASN B 126 -12.51 19.85 -5.39
N LYS B 127 -13.05 19.34 -6.49
CA LYS B 127 -14.49 19.39 -6.82
C LYS B 127 -14.98 20.82 -7.05
N ASN B 128 -14.10 21.68 -7.55
CA ASN B 128 -14.46 23.04 -7.92
C ASN B 128 -15.18 23.06 -9.28
N ASP B 129 -16.32 22.37 -9.37
CA ASP B 129 -17.03 22.25 -10.63
C ASP B 129 -18.55 22.35 -10.46
N ASP B 130 -18.96 22.87 -9.29
CA ASP B 130 -20.38 23.10 -9.02
C ASP B 130 -20.55 24.31 -8.13
N PRO B 131 -20.66 25.49 -8.73
CA PRO B 131 -20.79 26.76 -7.99
C PRO B 131 -21.92 26.76 -6.94
N GLU B 132 -23.05 26.14 -7.25
CA GLU B 132 -24.19 26.11 -6.34
C GLU B 132 -23.91 25.34 -5.04
N ARG B 133 -22.93 24.43 -5.05
CA ARG B 133 -22.67 23.67 -3.84
C ARG B 133 -21.33 24.05 -3.19
N LYS B 134 -20.59 24.97 -3.83
CA LYS B 134 -19.34 25.44 -3.26
C LYS B 134 -19.58 26.22 -1.97
N VAL B 135 -18.84 25.88 -0.91
CA VAL B 135 -19.02 26.53 0.38
C VAL B 135 -17.70 27.12 0.88
N VAL B 136 -16.59 26.61 0.39
CA VAL B 136 -15.30 27.20 0.74
C VAL B 136 -14.87 28.21 -0.32
N GLU B 137 -15.04 29.49 -0.04
CA GLU B 137 -14.83 30.47 -1.09
C GLU B 137 -13.35 30.60 -1.44
N THR B 138 -13.07 30.78 -2.72
CA THR B 138 -11.70 30.93 -3.24
C THR B 138 -10.84 31.89 -2.45
N GLU B 139 -11.37 33.06 -2.17
CA GLU B 139 -10.61 34.07 -1.48
C GLU B 139 -10.19 33.62 -0.07
N ASP B 140 -11.12 32.98 0.65
CA ASP B 140 -10.86 32.49 1.99
C ASP B 140 -9.80 31.37 2.00
N ALA B 141 -9.82 30.55 0.96
CA ALA B 141 -8.87 29.46 0.88
C ALA B 141 -7.47 30.00 0.58
N TYR B 142 -7.38 30.93 -0.35
CA TYR B 142 -6.11 31.57 -0.68
C TYR B 142 -5.54 32.34 0.50
N LYS B 143 -6.40 33.00 1.29
CA LYS B 143 -5.96 33.74 2.46
C LYS B 143 -5.31 32.76 3.46
N PHE B 144 -5.99 31.65 3.70
CA PHE B 144 -5.46 30.63 4.59
C PHE B 144 -4.13 30.07 4.08
N ALA B 145 -4.14 29.63 2.83
CA ALA B 145 -2.93 29.13 2.17
C ALA B 145 -1.77 30.13 2.31
N GLY B 146 -2.03 31.40 2.07
CA GLY B 146 -1.03 32.45 2.27
C GLY B 146 -0.44 32.53 3.66
N GLN B 147 -1.30 32.45 4.66
CA GLN B 147 -0.85 32.47 6.05
C GLN B 147 0.01 31.27 6.42
N MET B 148 -0.27 30.13 5.79
CA MET B 148 0.53 28.91 6.01
C MET B 148 1.80 28.87 5.19
N GLY B 149 1.92 29.78 4.22
CA GLY B 149 3.04 29.78 3.30
C GLY B 149 3.05 28.63 2.32
N ILE B 150 1.87 28.20 1.90
CA ILE B 150 1.74 27.06 1.01
C ILE B 150 0.89 27.48 -0.19
N GLN B 151 1.25 26.98 -1.36
CA GLN B 151 0.49 27.29 -2.55
C GLN B 151 -0.80 26.50 -2.59
N LEU B 152 -1.83 27.09 -3.18
CA LEU B 152 -3.13 26.44 -3.32
C LEU B 152 -3.57 26.36 -4.77
N PHE B 153 -4.13 25.21 -5.14
CA PHE B 153 -4.76 25.03 -6.43
C PHE B 153 -6.20 24.59 -6.21
N GLU B 154 -7.14 25.20 -6.90
CA GLU B 154 -8.51 24.70 -6.91
C GLU B 154 -8.63 23.88 -8.16
N THR B 155 -9.07 22.63 -7.98
CA THR B 155 -9.08 21.63 -9.04
C THR B 155 -10.45 20.99 -9.29
N SER B 156 -10.57 20.35 -10.45
CA SER B 156 -11.64 19.38 -10.70
C SER B 156 -11.03 18.13 -11.38
N ALA B 157 -10.95 17.04 -10.64
CA ALA B 157 -10.56 15.78 -11.24
C ALA B 157 -11.61 15.42 -12.30
N LYS B 158 -12.86 15.80 -12.06
CA LYS B 158 -13.93 15.39 -12.94
C LYS B 158 -13.82 16.07 -14.30
N GLU B 159 -13.58 17.38 -14.28
CA GLU B 159 -13.53 18.17 -15.51
C GLU B 159 -12.10 18.35 -16.06
N ASN B 160 -11.15 17.76 -15.36
CA ASN B 160 -9.72 17.88 -15.69
C ASN B 160 -9.23 19.33 -15.70
N VAL B 161 -9.44 20.01 -14.58
CA VAL B 161 -9.05 21.41 -14.46
C VAL B 161 -8.02 21.56 -13.34
N ASN B 162 -6.87 22.10 -13.71
CA ASN B 162 -5.76 22.37 -12.78
C ASN B 162 -5.11 21.14 -12.14
N VAL B 163 -5.44 19.95 -12.63
CA VAL B 163 -4.82 18.75 -12.05
C VAL B 163 -3.37 18.63 -12.50
N GLU B 164 -3.14 18.77 -13.80
CA GLU B 164 -1.78 18.72 -14.29
C GLU B 164 -0.94 19.85 -13.69
N GLU B 165 -1.52 21.04 -13.58
CA GLU B 165 -0.82 22.20 -13.01
C GLU B 165 -0.44 21.98 -11.54
N MET B 166 -1.38 21.46 -10.75
CA MET B 166 -1.10 21.14 -9.37
C MET B 166 0.06 20.11 -9.23
N PHE B 167 -0.03 18.98 -9.93
CA PHE B 167 1.04 17.99 -9.81
C PHE B 167 2.39 18.54 -10.31
N ASN B 168 2.38 19.38 -11.35
CA ASN B 168 3.64 19.95 -11.84
CA ASN B 168 3.65 19.94 -11.83
C ASN B 168 4.24 20.88 -10.78
N CYS B 169 3.38 21.62 -10.08
CA CYS B 169 3.84 22.56 -9.06
C CYS B 169 4.56 21.82 -7.92
N ILE B 170 3.93 20.80 -7.35
CA ILE B 170 4.56 20.12 -6.23
C ILE B 170 5.80 19.36 -6.74
N THR B 171 5.79 18.88 -7.98
CA THR B 171 6.99 18.28 -8.54
C THR B 171 8.15 19.29 -8.64
N GLU B 172 7.86 20.49 -9.13
CA GLU B 172 8.89 21.50 -9.22
C GLU B 172 9.38 21.93 -7.84
N LEU B 173 8.47 22.00 -6.87
CA LEU B 173 8.86 22.35 -5.51
C LEU B 173 9.86 21.35 -4.93
N VAL B 174 9.58 20.06 -5.11
CA VAL B 174 10.45 19.07 -4.52
C VAL B 174 11.79 18.99 -5.28
N LEU B 175 11.74 19.20 -6.60
CA LEU B 175 12.96 19.22 -7.40
C LEU B 175 13.85 20.42 -6.98
N ARG B 176 13.20 21.57 -6.79
CA ARG B 176 13.89 22.77 -6.40
C ARG B 176 14.52 22.58 -5.02
N ALA B 177 13.78 21.93 -4.10
CA ALA B 177 14.28 21.71 -2.74
C ALA B 177 15.54 20.84 -2.78
N LYS B 178 15.53 19.84 -3.67
CA LYS B 178 16.68 18.95 -3.82
C LYS B 178 17.85 19.73 -4.43
N LYS B 179 17.62 20.41 -5.56
CA LYS B 179 18.68 21.12 -6.27
C LYS B 179 19.25 22.32 -5.51
N ASP B 180 18.43 22.94 -4.67
CA ASP B 180 18.92 24.06 -3.87
C ASP B 180 19.95 23.61 -2.84
N ASN B 181 20.04 22.30 -2.64
CA ASN B 181 20.99 21.76 -1.69
CA ASN B 181 20.95 21.67 -1.69
C ASN B 181 22.22 21.18 -2.39
N LEU B 182 22.17 21.11 -3.72
CA LEU B 182 23.32 20.60 -4.49
C LEU B 182 24.19 21.76 -4.98
N ALA B 183 25.33 21.43 -5.57
CA ALA B 183 26.30 22.44 -6.03
C ALA B 183 25.70 23.36 -7.10
N LYS B 184 26.39 24.47 -7.36
CA LYS B 184 25.95 25.49 -8.30
C LYS B 184 25.46 24.92 -9.63
#